data_8Q8G
#
_entry.id   8Q8G
#
_cell.length_a   39.977
_cell.length_b   84.336
_cell.length_c   81.990
_cell.angle_alpha   90.000
_cell.angle_beta   96.880
_cell.angle_gamma   90.000
#
_symmetry.space_group_name_H-M   'P 1 21 1'
#
loop_
_entity.id
_entity.type
_entity.pdbx_description
1 polymer 'mRNA cap guanine-N7 methyltransferase'
2 non-polymer S-ADENOSYL-L-HOMOCYSTEINE
3 non-polymer 2-(4-fluorophenyl)-1-[(3~{S})-3-(6-oxidanyl-1~{H}-pyrazolo[3,4-b]pyridin-3-yl)piperidin-1-yl]ethanone
4 non-polymer 'SULFATE ION'
5 non-polymer GLYCEROL
6 water water
#
_entity_poly.entity_id   1
_entity_poly.type   'polypeptide(L)'
_entity_poly.pdbx_seq_one_letter_code
;SQSRIFYLRNFNNWMKSVLIGEFLEKVRQKKKRDITVLDLGCGKGGDLLKWKKGRINKLVCTDIADVSVKQCQQRYEDMK
NRRDSEYIFSAEFITADSSKELLIDKFRDPQMCFDICSCQFVCHYSFESYEQADMMLRNACERLSPGGYFIGTTPNSFEL
IRRLEASETESFGNEIYTVKFQKKGDYPLFGCKYDFNLEGVVDVPEFLVYFPLLNEMAKKYNMKLVYKKTFLEFYEEKIK
NNENKMLLKRMGLGCLSKSEWEATSIYLVFAFEKQQ
;
_entity_poly.pdbx_strand_id   A,B
#
loop_
_chem_comp.id
_chem_comp.type
_chem_comp.name
_chem_comp.formula
GOL non-polymer GLYCEROL 'C3 H8 O3'
O94 non-polymer 2-(4-fluorophenyl)-1-[(3~{S})-3-(6-oxidanyl-1~{H}-pyrazolo[3,4-b]pyridin-3-yl)piperidin-1-yl]ethanone 'C19 H19 F N4 O2'
SAH non-polymer S-ADENOSYL-L-HOMOCYSTEINE 'C14 H20 N6 O5 S'
SO4 non-polymer 'SULFATE ION' 'O4 S -2'
#
# COMPACT_ATOMS: atom_id res chain seq x y z
N SER A 3 28.79 14.72 -15.52
CA SER A 3 29.00 13.95 -14.30
C SER A 3 28.98 12.45 -14.57
N ARG A 4 28.89 11.68 -13.48
CA ARG A 4 28.55 10.27 -13.58
C ARG A 4 27.04 10.06 -13.74
N ILE A 5 26.28 11.14 -14.00
CA ILE A 5 24.94 11.01 -14.57
C ILE A 5 25.00 10.22 -15.86
N PHE A 6 26.06 10.42 -16.63
CA PHE A 6 26.32 9.67 -17.86
C PHE A 6 26.24 8.16 -17.64
N TYR A 7 26.79 7.67 -16.52
CA TYR A 7 26.84 6.24 -16.27
C TYR A 7 25.48 5.69 -15.81
N LEU A 8 24.73 6.51 -15.05
CA LEU A 8 23.41 6.10 -14.57
C LEU A 8 22.44 6.03 -15.73
N ARG A 9 22.47 7.06 -16.58
CA ARG A 9 21.68 7.08 -17.80
C ARG A 9 21.91 5.82 -18.63
N ASN A 10 23.18 5.43 -18.81
CA ASN A 10 23.46 4.24 -19.60
C ASN A 10 23.02 2.96 -18.90
N PHE A 11 23.09 2.93 -17.56
CA PHE A 11 22.55 1.77 -16.85
C PHE A 11 21.03 1.74 -16.93
N ASN A 12 20.39 2.90 -16.78
CA ASN A 12 18.94 2.94 -16.93
C ASN A 12 18.52 2.58 -18.34
N ASN A 13 19.31 2.95 -19.35
CA ASN A 13 18.97 2.56 -20.71
C ASN A 13 19.06 1.04 -20.89
N TRP A 14 20.02 0.39 -20.24
CA TRP A 14 20.07 -1.06 -20.30
C TRP A 14 18.80 -1.67 -19.70
N MET A 15 18.45 -1.26 -18.47
CA MET A 15 17.24 -1.74 -17.83
C MET A 15 16.01 -1.59 -18.76
N LYS A 16 15.87 -0.43 -19.41
CA LYS A 16 14.73 -0.22 -20.31
C LYS A 16 14.84 -1.06 -21.58
N SER A 17 16.05 -1.20 -22.14
CA SER A 17 16.22 -2.07 -23.30
C SER A 17 15.77 -3.49 -22.99
N VAL A 18 16.20 -4.02 -21.85
CA VAL A 18 15.91 -5.40 -21.50
C VAL A 18 14.41 -5.59 -21.28
N LEU A 19 13.76 -4.59 -20.65
CA LEU A 19 12.31 -4.63 -20.44
C LEU A 19 11.55 -4.51 -21.77
N ILE A 20 11.79 -3.42 -22.52
CA ILE A 20 11.18 -3.21 -23.82
C ILE A 20 11.39 -4.43 -24.71
N GLY A 21 12.61 -4.96 -24.73
CA GLY A 21 12.91 -6.09 -25.58
C GLY A 21 12.11 -7.33 -25.24
N GLU A 22 11.91 -7.59 -23.94
CA GLU A 22 11.21 -8.82 -23.58
C GLU A 22 9.76 -8.80 -24.10
N PHE A 23 9.11 -7.65 -23.99
CA PHE A 23 7.71 -7.58 -24.37
C PHE A 23 7.51 -7.27 -25.85
N LEU A 24 8.49 -6.62 -26.50
CA LEU A 24 8.46 -6.52 -27.95
C LEU A 24 8.49 -7.91 -28.60
N GLU A 25 9.38 -8.78 -28.11
CA GLU A 25 9.48 -10.12 -28.69
C GLU A 25 8.25 -10.95 -28.38
N LYS A 26 7.63 -10.72 -27.21
CA LYS A 26 6.36 -11.36 -26.93
C LYS A 26 5.28 -10.87 -27.87
N VAL A 27 5.24 -9.58 -28.16
CA VAL A 27 4.26 -9.06 -29.12
C VAL A 27 4.54 -9.58 -30.53
N ARG A 28 5.82 -9.63 -30.92
CA ARG A 28 6.18 -9.99 -32.30
C ARG A 28 5.70 -11.38 -32.69
N GLN A 29 5.55 -12.28 -31.72
CA GLN A 29 5.16 -13.67 -31.92
C GLN A 29 3.66 -13.88 -31.83
N LYS A 30 2.98 -13.23 -30.87
CA LYS A 30 1.54 -13.40 -30.74
C LYS A 30 0.81 -13.00 -32.01
N LYS A 31 1.38 -12.08 -32.78
CA LYS A 31 0.80 -11.68 -34.05
C LYS A 31 1.89 -11.70 -35.10
N LYS A 32 1.48 -11.58 -36.35
CA LYS A 32 2.43 -11.38 -37.44
C LYS A 32 2.73 -9.91 -37.66
N ARG A 33 1.79 -9.04 -37.29
CA ARG A 33 1.53 -7.81 -38.02
C ARG A 33 2.40 -6.63 -37.60
N ASP A 34 1.95 -5.44 -38.05
CA ASP A 34 2.41 -4.15 -37.58
C ASP A 34 2.37 -4.07 -36.07
N ILE A 35 3.41 -3.47 -35.50
CA ILE A 35 3.50 -3.25 -34.06
C ILE A 35 3.33 -1.76 -33.83
N THR A 36 2.44 -1.42 -32.89
CA THR A 36 2.06 -0.05 -32.60
C THR A 36 2.26 0.22 -31.12
N VAL A 37 2.85 1.36 -30.79
CA VAL A 37 3.35 1.60 -29.44
C VAL A 37 3.02 3.01 -28.96
N LEU A 38 2.69 3.12 -27.67
CA LEU A 38 2.44 4.37 -26.97
C LEU A 38 3.58 4.63 -25.97
N ASP A 39 4.34 5.68 -26.21
CA ASP A 39 5.42 6.06 -25.32
C ASP A 39 4.91 7.20 -24.47
N LEU A 40 4.36 6.86 -23.30
CA LEU A 40 3.67 7.83 -22.46
C LEU A 40 4.67 8.52 -21.54
N GLY A 41 4.78 9.84 -21.67
CA GLY A 41 5.78 10.58 -20.90
C GLY A 41 7.13 10.35 -21.51
N CYS A 42 7.17 10.47 -22.85
CA CYS A 42 8.38 10.16 -23.63
C CYS A 42 9.55 11.09 -23.34
N GLY A 43 9.29 12.29 -22.83
CA GLY A 43 10.36 13.25 -22.61
C GLY A 43 11.00 13.71 -23.91
N LYS A 44 12.32 13.80 -23.91
CA LYS A 44 13.10 14.17 -25.07
C LYS A 44 13.32 13.04 -26.06
N GLY A 45 12.69 11.88 -25.87
CA GLY A 45 12.84 10.79 -26.84
C GLY A 45 14.05 9.90 -26.64
N GLY A 46 14.44 9.67 -25.39
CA GLY A 46 15.54 8.80 -25.05
C GLY A 46 15.30 7.32 -25.29
N ASP A 47 14.08 6.92 -25.69
CA ASP A 47 13.82 5.54 -26.09
C ASP A 47 13.50 5.40 -27.58
N LEU A 48 13.49 6.50 -28.34
CA LEU A 48 13.30 6.43 -29.78
C LEU A 48 14.23 5.39 -30.41
N LEU A 49 15.47 5.29 -29.95
CA LEU A 49 16.37 4.34 -30.56
C LEU A 49 15.97 2.91 -30.21
N LYS A 50 15.48 2.69 -28.99
CA LYS A 50 15.02 1.37 -28.59
C LYS A 50 13.86 0.90 -29.45
N TRP A 51 13.03 1.83 -29.90
CA TRP A 51 11.96 1.41 -30.79
C TRP A 51 12.47 1.15 -32.20
N LYS A 52 13.48 1.90 -32.65
CA LYS A 52 14.01 1.64 -33.98
C LYS A 52 14.66 0.25 -34.07
N LYS A 53 15.46 -0.13 -33.06
CA LYS A 53 15.98 -1.50 -33.02
C LYS A 53 14.86 -2.53 -32.86
N GLY A 54 13.77 -2.16 -32.20
CA GLY A 54 12.68 -3.12 -32.10
C GLY A 54 11.89 -3.30 -33.38
N ARG A 55 12.20 -2.52 -34.43
CA ARG A 55 11.58 -2.65 -35.74
C ARG A 55 10.06 -2.55 -35.67
N ILE A 56 9.56 -1.58 -34.91
CA ILE A 56 8.12 -1.42 -34.81
C ILE A 56 7.64 -0.61 -36.00
N ASN A 57 6.31 -0.53 -36.18
CA ASN A 57 5.76 0.08 -37.38
C ASN A 57 5.09 1.43 -37.15
N LYS A 58 4.47 1.66 -35.99
CA LYS A 58 3.82 2.94 -35.69
C LYS A 58 4.05 3.31 -34.23
N LEU A 59 4.49 4.55 -34.00
CA LEU A 59 4.76 5.03 -32.65
C LEU A 59 3.98 6.30 -32.37
N VAL A 60 3.53 6.44 -31.12
CA VAL A 60 2.93 7.67 -30.60
C VAL A 60 3.73 8.11 -29.40
N CYS A 61 4.32 9.31 -29.50
CA CYS A 61 5.06 9.91 -28.40
C CYS A 61 4.23 11.02 -27.77
N THR A 62 4.05 10.96 -26.44
CA THR A 62 3.29 12.00 -25.77
C THR A 62 3.94 12.34 -24.43
N ASP A 63 3.82 13.61 -24.07
CA ASP A 63 4.42 14.15 -22.85
C ASP A 63 3.70 15.45 -22.55
N ILE A 64 3.55 15.75 -21.25
CA ILE A 64 2.94 17.00 -20.79
C ILE A 64 3.75 18.23 -21.20
N ALA A 65 5.06 18.08 -21.43
CA ALA A 65 5.95 19.19 -21.73
C ALA A 65 6.10 19.35 -23.25
N ASP A 66 5.54 20.44 -23.78
CA ASP A 66 5.60 20.70 -25.21
C ASP A 66 7.02 20.91 -25.72
N VAL A 67 7.88 21.55 -24.90
CA VAL A 67 9.26 21.74 -25.31
C VAL A 67 9.97 20.40 -25.47
N SER A 68 9.65 19.43 -24.59
CA SER A 68 10.25 18.10 -24.69
C SER A 68 9.69 17.34 -25.89
N VAL A 69 8.38 17.47 -26.15
CA VAL A 69 7.76 16.84 -27.32
C VAL A 69 8.43 17.31 -28.60
N LYS A 70 8.68 18.61 -28.73
CA LYS A 70 9.34 19.08 -29.94
C LYS A 70 10.76 18.55 -30.03
N GLN A 71 11.48 18.49 -28.90
CA GLN A 71 12.81 17.90 -28.87
C GLN A 71 12.77 16.43 -29.29
N CYS A 72 11.74 15.71 -28.81
CA CYS A 72 11.56 14.32 -29.23
C CYS A 72 11.25 14.22 -30.72
N GLN A 73 10.39 15.09 -31.24
CA GLN A 73 10.14 15.09 -32.68
C GLN A 73 11.42 15.39 -33.46
N GLN A 74 12.13 16.45 -33.04
CA GLN A 74 13.42 16.80 -33.63
C GLN A 74 14.39 15.61 -33.63
N ARG A 75 14.42 14.83 -32.55
CA ARG A 75 15.34 13.68 -32.53
C ARG A 75 14.89 12.60 -33.50
N TYR A 76 13.57 12.42 -33.64
CA TYR A 76 13.04 11.42 -34.56
C TYR A 76 13.37 11.76 -36.01
N GLU A 77 13.19 13.03 -36.39
CA GLU A 77 13.49 13.48 -37.75
C GLU A 77 14.97 13.37 -38.07
N ASP A 78 15.86 13.59 -37.08
CA ASP A 78 17.28 13.35 -37.32
C ASP A 78 17.55 11.87 -37.58
N MET A 79 16.94 10.98 -36.78
CA MET A 79 17.00 9.54 -37.06
C MET A 79 16.64 9.19 -38.50
N LYS A 80 15.60 9.81 -39.05
CA LYS A 80 15.16 9.42 -40.39
C LYS A 80 16.05 9.99 -41.47
N ASN A 81 16.88 11.00 -41.17
CA ASN A 81 17.94 11.46 -42.06
C ASN A 81 19.10 10.50 -42.17
N ARG A 82 19.18 9.46 -41.34
CA ARG A 82 20.24 8.46 -41.49
C ARG A 82 19.95 7.49 -42.63
N ARG A 83 21.00 6.80 -43.08
CA ARG A 83 20.89 5.83 -44.16
C ARG A 83 20.27 4.51 -43.73
N ASP A 84 20.26 4.20 -42.45
CA ASP A 84 19.76 2.92 -41.95
C ASP A 84 18.34 3.01 -41.42
N SER A 85 17.56 4.00 -41.86
CA SER A 85 16.20 4.21 -41.39
C SER A 85 15.19 3.98 -42.49
N GLU A 86 15.45 3.02 -43.37
CA GLU A 86 14.48 2.72 -44.42
C GLU A 86 13.17 2.20 -43.82
N TYR A 87 13.26 1.31 -42.82
CA TYR A 87 12.12 0.65 -42.19
C TYR A 87 11.58 1.39 -40.97
N ILE A 88 12.12 2.56 -40.63
CA ILE A 88 11.79 3.19 -39.37
C ILE A 88 10.28 3.42 -39.23
N PHE A 89 9.77 3.13 -38.04
CA PHE A 89 8.38 3.39 -37.70
C PHE A 89 7.99 4.81 -38.08
N SER A 90 6.71 4.98 -38.35
CA SER A 90 6.09 6.29 -38.37
C SER A 90 5.70 6.70 -36.95
N ALA A 91 5.72 8.02 -36.70
CA ALA A 91 5.59 8.57 -35.36
C ALA A 91 4.66 9.77 -35.38
N GLU A 92 3.88 9.96 -34.30
CA GLU A 92 3.17 11.21 -34.07
C GLU A 92 3.46 11.71 -32.65
N PHE A 93 3.40 13.03 -32.50
CA PHE A 93 3.86 13.70 -31.29
C PHE A 93 2.73 14.58 -30.77
N ILE A 94 2.34 14.34 -29.53
CA ILE A 94 1.19 15.01 -28.95
C ILE A 94 1.62 15.57 -27.61
N THR A 95 1.35 16.86 -27.39
CA THR A 95 1.50 17.46 -26.07
C THR A 95 0.19 17.35 -25.29
N ALA A 96 0.24 16.79 -24.09
CA ALA A 96 -0.98 16.53 -23.34
C ALA A 96 -0.61 16.16 -21.90
N ASP A 97 -1.51 16.51 -20.96
CA ASP A 97 -1.44 16.01 -19.58
C ASP A 97 -2.23 14.70 -19.55
N SER A 98 -1.50 13.58 -19.55
CA SER A 98 -2.10 12.23 -19.58
C SER A 98 -2.81 11.86 -18.29
N SER A 99 -2.73 12.70 -17.27
CA SER A 99 -3.53 12.54 -16.07
C SER A 99 -4.77 13.43 -16.08
N LYS A 100 -4.96 14.20 -17.12
CA LYS A 100 -6.09 15.12 -17.24
C LYS A 100 -6.84 14.99 -18.56
N GLU A 101 -6.12 14.83 -19.67
CA GLU A 101 -6.69 14.80 -21.01
C GLU A 101 -6.83 13.36 -21.51
N LEU A 102 -7.90 13.09 -22.26
CA LEU A 102 -8.05 11.81 -22.97
C LEU A 102 -7.20 11.82 -24.23
N LEU A 103 -6.21 10.95 -24.29
CA LEU A 103 -5.38 10.92 -25.51
C LEU A 103 -6.18 10.48 -26.74
N ILE A 104 -7.27 9.74 -26.54
CA ILE A 104 -8.07 9.20 -27.64
C ILE A 104 -8.58 10.31 -28.57
N ASP A 105 -8.83 11.49 -28.02
CA ASP A 105 -9.35 12.60 -28.81
C ASP A 105 -8.25 13.43 -29.47
N LYS A 106 -6.99 12.98 -29.39
CA LYS A 106 -5.89 13.70 -30.00
C LYS A 106 -5.08 12.83 -30.96
N PHE A 107 -5.39 11.54 -31.10
CA PHE A 107 -4.73 10.72 -32.12
C PHE A 107 -5.22 11.10 -33.51
N ARG A 108 -4.31 11.05 -34.49
CA ARG A 108 -4.73 11.20 -35.88
C ARG A 108 -5.85 10.22 -36.20
N ASP A 109 -5.73 9.00 -35.70
CA ASP A 109 -6.77 7.98 -35.80
C ASP A 109 -7.35 7.75 -34.42
N PRO A 110 -8.58 8.20 -34.14
CA PRO A 110 -9.14 8.09 -32.79
C PRO A 110 -9.54 6.68 -32.42
N GLN A 111 -9.46 5.74 -33.34
CA GLN A 111 -9.80 4.35 -33.09
C GLN A 111 -8.57 3.45 -33.02
N MET A 112 -7.36 4.02 -33.11
CA MET A 112 -6.14 3.23 -33.12
C MET A 112 -5.95 2.45 -31.81
N CYS A 113 -5.17 1.37 -31.88
CA CYS A 113 -4.96 0.45 -30.77
C CYS A 113 -3.48 0.13 -30.67
N PHE A 114 -3.04 -0.15 -29.43
CA PHE A 114 -1.64 -0.34 -29.11
C PHE A 114 -1.38 -1.78 -28.73
N ASP A 115 -0.23 -2.29 -29.15
CA ASP A 115 0.30 -3.53 -28.61
C ASP A 115 1.11 -3.29 -27.35
N ILE A 116 1.76 -2.14 -27.24
CA ILE A 116 2.56 -1.80 -26.06
C ILE A 116 2.33 -0.33 -25.74
N CYS A 117 1.97 -0.06 -24.49
CA CYS A 117 2.18 1.23 -23.88
C CYS A 117 3.39 1.18 -22.96
N SER A 118 4.36 2.04 -23.24
CA SER A 118 5.61 2.11 -22.48
C SER A 118 5.58 3.38 -21.66
N CYS A 119 5.70 3.24 -20.35
CA CYS A 119 5.59 4.37 -19.42
C CYS A 119 6.78 4.31 -18.45
N GLN A 120 7.89 4.91 -18.85
CA GLN A 120 9.14 4.81 -18.10
C GLN A 120 9.35 6.07 -17.27
N PHE A 121 9.34 5.92 -15.93
CA PHE A 121 9.67 6.99 -14.99
C PHE A 121 8.66 8.13 -15.06
N VAL A 122 7.38 7.78 -15.21
CA VAL A 122 6.32 8.73 -15.48
C VAL A 122 5.15 8.57 -14.53
N CYS A 123 4.73 7.32 -14.30
CA CYS A 123 3.41 7.08 -13.73
C CYS A 123 3.29 7.49 -12.27
N HIS A 124 4.41 7.77 -11.58
CA HIS A 124 4.31 8.27 -10.22
C HIS A 124 3.88 9.73 -10.13
N TYR A 125 4.08 10.53 -11.19
CA TYR A 125 3.59 11.90 -11.18
C TYR A 125 2.06 11.98 -11.16
N SER A 126 1.37 10.91 -11.57
CA SER A 126 -0.08 10.91 -11.68
C SER A 126 -0.77 10.57 -10.38
N PHE A 127 -0.02 10.11 -9.37
CA PHE A 127 -0.60 9.78 -8.08
C PHE A 127 -0.75 11.00 -7.19
N GLU A 128 -0.73 12.19 -7.79
CA GLU A 128 -1.20 13.42 -7.15
C GLU A 128 -2.59 13.24 -6.56
N SER A 129 -3.49 12.61 -7.32
CA SER A 129 -4.85 12.35 -6.89
C SER A 129 -5.32 11.07 -7.54
N TYR A 130 -6.45 10.56 -7.05
CA TYR A 130 -7.06 9.35 -7.61
C TYR A 130 -7.44 9.55 -9.07
N GLU A 131 -8.10 10.67 -9.38
CA GLU A 131 -8.60 10.83 -10.74
C GLU A 131 -7.45 10.99 -11.73
N GLN A 132 -6.29 11.45 -11.28
CA GLN A 132 -5.13 11.53 -12.17
C GLN A 132 -4.49 10.16 -12.38
N ALA A 133 -4.29 9.39 -11.30
CA ALA A 133 -3.80 8.03 -11.45
C ALA A 133 -4.76 7.18 -12.27
N ASP A 134 -6.06 7.35 -12.07
CA ASP A 134 -7.00 6.59 -12.89
C ASP A 134 -6.88 6.97 -14.35
N MET A 135 -6.77 8.28 -14.63
CA MET A 135 -6.76 8.75 -16.01
C MET A 135 -5.46 8.36 -16.71
N MET A 136 -4.32 8.45 -16.04
CA MET A 136 -3.09 7.97 -16.68
C MET A 136 -3.19 6.50 -17.00
N LEU A 137 -3.84 5.71 -16.13
CA LEU A 137 -4.02 4.29 -16.40
C LEU A 137 -4.97 4.05 -17.58
N ARG A 138 -6.02 4.89 -17.70
CA ARG A 138 -6.92 4.75 -18.84
C ARG A 138 -6.16 5.00 -20.14
N ASN A 139 -5.40 6.09 -20.18
CA ASN A 139 -4.63 6.39 -21.39
C ASN A 139 -3.62 5.29 -21.68
N ALA A 140 -3.05 4.67 -20.65
CA ALA A 140 -2.05 3.63 -20.87
C ALA A 140 -2.66 2.30 -21.30
N CYS A 141 -3.86 1.96 -20.83
CA CYS A 141 -4.35 0.59 -21.00
C CYS A 141 -5.65 0.46 -21.79
N GLU A 142 -6.52 1.47 -21.79
CA GLU A 142 -7.83 1.32 -22.40
C GLU A 142 -7.72 1.01 -23.89
N ARG A 143 -6.80 1.67 -24.59
CA ARG A 143 -6.61 1.41 -26.02
C ARG A 143 -5.63 0.27 -26.30
N LEU A 144 -5.25 -0.52 -25.29
CA LEU A 144 -4.42 -1.68 -25.56
C LEU A 144 -5.25 -2.79 -26.18
N SER A 145 -4.74 -3.37 -27.26
CA SER A 145 -5.31 -4.59 -27.81
C SER A 145 -5.31 -5.67 -26.73
N PRO A 146 -6.23 -6.64 -26.82
CA PRO A 146 -6.12 -7.81 -25.95
C PRO A 146 -4.81 -8.51 -26.22
N GLY A 147 -4.19 -9.01 -25.15
CA GLY A 147 -2.85 -9.52 -25.24
C GLY A 147 -1.77 -8.46 -25.24
N GLY A 148 -2.12 -7.17 -25.31
CA GLY A 148 -1.16 -6.10 -25.25
C GLY A 148 -0.53 -5.92 -23.88
N TYR A 149 0.43 -5.00 -23.82
CA TYR A 149 1.24 -4.87 -22.63
C TYR A 149 1.35 -3.44 -22.15
N PHE A 150 1.36 -3.31 -20.82
CA PHE A 150 1.64 -2.05 -20.12
C PHE A 150 2.88 -2.30 -19.26
N ILE A 151 3.98 -1.60 -19.55
CA ILE A 151 5.25 -1.83 -18.91
C ILE A 151 5.84 -0.48 -18.45
N GLY A 152 6.65 -0.52 -17.40
CA GLY A 152 7.19 0.74 -16.97
C GLY A 152 8.15 0.61 -15.81
N THR A 153 8.57 1.77 -15.32
CA THR A 153 9.48 1.88 -14.19
C THR A 153 9.03 3.06 -13.35
N THR A 154 9.15 2.91 -12.04
CA THR A 154 8.62 3.88 -11.11
C THR A 154 9.26 3.60 -9.74
N PRO A 155 9.29 4.60 -8.84
CA PRO A 155 9.94 4.38 -7.53
C PRO A 155 9.22 3.30 -6.71
N ASN A 156 10.02 2.49 -6.00
CA ASN A 156 9.51 1.44 -5.12
C ASN A 156 9.18 2.07 -3.77
N SER A 157 7.89 2.19 -3.46
CA SER A 157 7.49 2.97 -2.30
C SER A 157 7.98 2.33 -1.01
N PHE A 158 8.05 1.00 -0.99
CA PHE A 158 8.59 0.32 0.18
C PHE A 158 10.01 0.77 0.46
N GLU A 159 10.80 0.96 -0.58
CA GLU A 159 12.20 1.35 -0.39
C GLU A 159 12.32 2.83 -0.03
N LEU A 160 11.41 3.68 -0.51
CA LEU A 160 11.46 5.09 -0.10
C LEU A 160 11.14 5.23 1.39
N ILE A 161 10.12 4.51 1.85
CA ILE A 161 9.66 4.65 3.22
C ILE A 161 10.65 4.03 4.19
N ARG A 162 11.20 2.85 3.83
CA ARG A 162 12.30 2.25 4.58
C ARG A 162 13.46 3.22 4.74
N ARG A 163 13.86 3.88 3.66
CA ARG A 163 14.95 4.85 3.78
C ARG A 163 14.53 6.05 4.60
N LEU A 164 13.24 6.42 4.54
CA LEU A 164 12.73 7.55 5.29
C LEU A 164 12.64 7.23 6.78
N GLU A 165 11.90 6.16 7.13
CA GLU A 165 11.77 5.78 8.53
C GLU A 165 13.14 5.67 9.16
N ALA A 166 14.03 4.92 8.52
CA ALA A 166 15.39 4.75 8.99
C ALA A 166 16.16 6.06 9.03
N SER A 167 15.67 7.10 8.35
CA SER A 167 16.43 8.34 8.28
C SER A 167 16.34 9.11 9.60
N GLU A 168 17.33 9.97 9.81
CA GLU A 168 17.37 10.79 11.01
C GLU A 168 16.45 12.02 10.89
N THR A 169 16.32 12.57 9.68
CA THR A 169 15.38 13.64 9.40
C THR A 169 14.38 13.15 8.36
N GLU A 170 13.55 14.08 7.86
CA GLU A 170 12.63 13.82 6.77
C GLU A 170 13.34 13.76 5.42
N SER A 171 14.66 13.55 5.43
CA SER A 171 15.46 13.60 4.22
C SER A 171 16.47 12.46 4.17
N PHE A 172 16.71 11.97 2.96
CA PHE A 172 17.77 11.01 2.76
C PHE A 172 18.31 11.15 1.35
N GLY A 173 19.60 10.88 1.20
CA GLY A 173 20.20 10.84 -0.13
C GLY A 173 21.70 10.70 -0.05
N ASN A 174 22.37 11.19 -1.08
CA ASN A 174 23.82 11.26 -1.13
C ASN A 174 24.21 12.39 -2.08
N GLU A 175 25.43 12.32 -2.61
CA GLU A 175 25.87 13.42 -3.45
C GLU A 175 25.16 13.44 -4.80
N ILE A 176 24.49 12.34 -5.18
CA ILE A 176 23.80 12.23 -6.48
C ILE A 176 22.32 12.62 -6.37
N TYR A 177 21.64 12.21 -5.30
CA TYR A 177 20.21 12.47 -5.13
C TYR A 177 19.91 12.85 -3.69
N THR A 178 18.75 13.47 -3.50
CA THR A 178 18.22 13.77 -2.17
C THR A 178 16.70 13.64 -2.26
N VAL A 179 16.11 12.91 -1.31
CA VAL A 179 14.65 12.82 -1.18
C VAL A 179 14.26 13.52 0.11
N LYS A 180 13.23 14.39 0.04
CA LYS A 180 12.66 15.03 1.22
C LYS A 180 11.15 14.85 1.23
N PHE A 181 10.66 14.13 2.24
CA PHE A 181 9.22 14.03 2.44
C PHE A 181 8.73 15.24 3.23
N GLN A 182 7.41 15.34 3.41
CA GLN A 182 6.84 16.46 4.17
C GLN A 182 6.54 16.08 5.62
N LYS A 183 6.11 14.85 5.88
CA LYS A 183 5.91 14.33 7.22
C LYS A 183 6.11 12.82 7.20
N LYS A 184 6.82 12.29 8.20
CA LYS A 184 6.93 10.85 8.35
C LYS A 184 5.62 10.26 8.91
N GLY A 185 5.39 8.99 8.58
CA GLY A 185 4.24 8.26 9.07
C GLY A 185 2.97 8.42 8.28
N ASP A 186 2.79 9.52 7.56
CA ASP A 186 1.56 9.83 6.86
C ASP A 186 1.75 9.57 5.35
N TYR A 187 1.33 8.39 4.90
CA TYR A 187 1.54 7.90 3.54
C TYR A 187 0.19 7.64 2.86
N PRO A 188 -0.52 8.70 2.47
CA PRO A 188 -1.83 8.52 1.85
C PRO A 188 -1.75 7.87 0.47
N LEU A 189 -2.79 7.11 0.14
CA LEU A 189 -2.86 6.45 -1.17
C LEU A 189 -2.61 7.42 -2.31
N PHE A 190 -3.09 8.65 -2.17
CA PHE A 190 -2.92 9.68 -3.18
C PHE A 190 -2.48 10.95 -2.48
N GLY A 191 -1.68 11.77 -3.17
CA GLY A 191 -1.23 13.03 -2.64
C GLY A 191 -0.01 13.00 -1.76
N CYS A 192 0.53 11.82 -1.44
CA CYS A 192 1.76 11.72 -0.65
C CYS A 192 2.93 12.34 -1.41
N LYS A 193 3.15 13.64 -1.22
CA LYS A 193 4.17 14.39 -1.93
C LYS A 193 5.52 14.31 -1.21
N TYR A 194 6.57 14.20 -2.02
CA TYR A 194 7.95 14.30 -1.57
C TYR A 194 8.74 14.91 -2.72
N ASP A 195 9.86 15.52 -2.38
CA ASP A 195 10.69 16.19 -3.39
C ASP A 195 11.87 15.30 -3.76
N PHE A 196 12.18 15.29 -5.05
CA PHE A 196 13.22 14.43 -5.59
C PHE A 196 14.18 15.30 -6.39
N ASN A 197 15.38 15.45 -5.86
CA ASN A 197 16.42 16.27 -6.47
C ASN A 197 17.50 15.35 -7.00
N LEU A 198 17.71 15.36 -8.30
CA LEU A 198 18.80 14.62 -8.91
C LEU A 198 19.88 15.64 -9.26
N GLU A 199 20.91 15.73 -8.41
CA GLU A 199 22.00 16.69 -8.51
C GLU A 199 22.25 17.19 -9.94
N GLY A 200 21.91 18.45 -10.20
CA GLY A 200 22.19 19.06 -11.48
C GLY A 200 21.19 18.72 -12.59
N VAL A 201 20.51 17.59 -12.46
CA VAL A 201 19.62 17.11 -13.51
C VAL A 201 18.24 17.75 -13.36
N VAL A 202 17.56 17.43 -12.25
CA VAL A 202 16.14 17.75 -12.12
C VAL A 202 15.78 17.88 -10.64
N ASP A 203 15.00 18.90 -10.33
CA ASP A 203 14.38 19.04 -9.01
C ASP A 203 12.87 19.11 -9.22
N VAL A 204 12.18 18.02 -8.94
CA VAL A 204 10.75 17.87 -9.27
C VAL A 204 10.02 17.35 -8.04
N PRO A 205 8.74 17.67 -7.86
CA PRO A 205 7.94 16.92 -6.89
C PRO A 205 7.43 15.62 -7.49
N GLU A 206 7.35 14.60 -6.63
CA GLU A 206 6.83 13.29 -6.96
C GLU A 206 5.83 12.85 -5.90
N PHE A 207 5.13 11.76 -6.21
CA PHE A 207 4.12 11.19 -5.33
C PHE A 207 4.36 9.70 -5.16
N LEU A 208 4.09 9.22 -3.95
CA LEU A 208 4.29 7.81 -3.65
C LEU A 208 3.29 6.96 -4.41
N VAL A 209 3.76 5.84 -4.96
CA VAL A 209 2.90 4.86 -5.61
C VAL A 209 2.99 3.58 -4.78
N TYR A 210 1.94 3.29 -4.03
CA TYR A 210 1.85 1.96 -3.45
C TYR A 210 1.58 0.99 -4.59
N PHE A 211 2.57 0.16 -4.91
CA PHE A 211 2.39 -0.66 -6.12
C PHE A 211 1.20 -1.59 -6.01
N PRO A 212 0.91 -2.21 -4.87
CA PRO A 212 -0.34 -2.97 -4.79
C PRO A 212 -1.58 -2.16 -5.16
N LEU A 213 -1.60 -0.85 -4.87
CA LEU A 213 -2.72 -0.01 -5.28
C LEU A 213 -2.73 0.20 -6.79
N LEU A 214 -1.55 0.43 -7.38
CA LEU A 214 -1.42 0.51 -8.84
C LEU A 214 -1.90 -0.77 -9.50
N ASN A 215 -1.57 -1.91 -8.89
CA ASN A 215 -1.96 -3.22 -9.42
C ASN A 215 -3.49 -3.33 -9.47
N GLU A 216 -4.14 -3.08 -8.32
CA GLU A 216 -5.60 -3.13 -8.23
C GLU A 216 -6.27 -2.19 -9.22
N MET A 217 -5.87 -0.90 -9.23
CA MET A 217 -6.47 0.05 -10.15
C MET A 217 -6.34 -0.34 -11.62
N ALA A 218 -5.27 -1.05 -11.98
CA ALA A 218 -5.10 -1.40 -13.39
C ALA A 218 -6.08 -2.50 -13.83
N LYS A 219 -6.61 -3.27 -12.87
CA LYS A 219 -7.62 -4.27 -13.19
C LYS A 219 -8.87 -3.65 -13.81
N LYS A 220 -9.22 -2.43 -13.41
CA LYS A 220 -10.34 -1.71 -14.00
C LYS A 220 -10.24 -1.58 -15.52
N TYR A 221 -9.02 -1.56 -16.06
CA TYR A 221 -8.82 -1.56 -17.50
C TYR A 221 -8.46 -2.94 -18.01
N ASN A 222 -8.84 -3.97 -17.26
CA ASN A 222 -8.74 -5.38 -17.68
C ASN A 222 -7.29 -5.82 -17.84
N MET A 223 -6.42 -5.29 -17.00
CA MET A 223 -5.04 -5.69 -16.93
C MET A 223 -4.80 -6.70 -15.81
N LYS A 224 -3.77 -7.52 -15.99
CA LYS A 224 -3.31 -8.48 -15.00
C LYS A 224 -1.79 -8.38 -14.92
N LEU A 225 -1.28 -8.42 -13.68
CA LEU A 225 0.17 -8.38 -13.47
C LEU A 225 0.86 -9.56 -14.13
N VAL A 226 1.89 -9.26 -14.91
CA VAL A 226 2.82 -10.27 -15.41
C VAL A 226 3.97 -10.44 -14.45
N TYR A 227 4.61 -9.33 -14.07
CA TYR A 227 5.53 -9.39 -12.93
C TYR A 227 5.82 -7.98 -12.43
N LYS A 228 6.29 -7.92 -11.19
CA LYS A 228 6.87 -6.71 -10.64
C LYS A 228 8.18 -7.12 -9.99
N LYS A 229 9.25 -6.40 -10.29
CA LYS A 229 10.57 -6.70 -9.76
C LYS A 229 11.26 -5.40 -9.38
N THR A 230 11.90 -5.38 -8.20
CA THR A 230 12.76 -4.25 -7.86
C THR A 230 13.88 -4.16 -8.90
N PHE A 231 14.53 -3.00 -8.93
CA PHE A 231 15.62 -2.81 -9.89
C PHE A 231 16.73 -3.84 -9.66
N LEU A 232 17.02 -4.17 -8.39
CA LEU A 232 17.98 -5.24 -8.09
C LEU A 232 17.48 -6.58 -8.57
N GLU A 233 16.27 -6.98 -8.14
CA GLU A 233 15.70 -8.27 -8.53
C GLU A 233 15.69 -8.44 -10.05
N PHE A 234 15.25 -7.40 -10.77
CA PHE A 234 15.25 -7.43 -12.23
C PHE A 234 16.65 -7.62 -12.78
N TYR A 235 17.64 -6.92 -12.22
CA TYR A 235 18.99 -7.00 -12.76
C TYR A 235 19.56 -8.41 -12.62
N GLU A 236 19.39 -9.03 -11.45
CA GLU A 236 20.03 -10.33 -11.19
C GLU A 236 19.44 -11.42 -12.06
N GLU A 237 18.13 -11.41 -12.28
CA GLU A 237 17.51 -12.38 -13.16
C GLU A 237 17.97 -12.17 -14.60
N LYS A 238 17.98 -10.92 -15.07
CA LYS A 238 18.24 -10.63 -16.48
C LYS A 238 19.72 -10.75 -16.84
N ILE A 239 20.63 -10.61 -15.88
CA ILE A 239 22.06 -10.76 -16.17
C ILE A 239 22.38 -12.17 -16.65
N LYS A 240 21.68 -13.16 -16.10
CA LYS A 240 21.96 -14.56 -16.42
C LYS A 240 21.93 -14.81 -17.93
N ASN A 241 20.93 -14.26 -18.61
CA ASN A 241 20.87 -14.35 -20.07
C ASN A 241 22.09 -13.65 -20.70
N ASN A 242 22.74 -14.34 -21.64
CA ASN A 242 24.00 -13.86 -22.19
C ASN A 242 23.81 -12.63 -23.06
N GLU A 243 22.76 -12.62 -23.89
CA GLU A 243 22.44 -11.45 -24.69
C GLU A 243 22.38 -10.19 -23.84
N ASN A 244 21.61 -10.24 -22.75
CA ASN A 244 21.48 -9.08 -21.87
C ASN A 244 22.83 -8.62 -21.35
N LYS A 245 23.72 -9.57 -21.03
CA LYS A 245 25.01 -9.24 -20.44
C LYS A 245 25.99 -8.73 -21.48
N MET A 246 26.10 -9.44 -22.61
CA MET A 246 26.87 -8.95 -23.76
C MET A 246 26.48 -7.50 -24.07
N LEU A 247 25.17 -7.23 -24.08
CA LEU A 247 24.66 -5.88 -24.29
C LEU A 247 25.10 -4.94 -23.18
N LEU A 248 25.10 -5.42 -21.93
CA LEU A 248 25.45 -4.56 -20.81
C LEU A 248 26.89 -4.09 -20.94
N LYS A 249 27.76 -4.95 -21.46
CA LYS A 249 29.17 -4.64 -21.58
C LYS A 249 29.46 -3.81 -22.82
N ARG A 250 28.68 -3.99 -23.90
CA ARG A 250 28.86 -3.13 -25.07
C ARG A 250 28.48 -1.67 -24.79
N MET A 251 27.67 -1.41 -23.77
CA MET A 251 27.28 -0.04 -23.45
C MET A 251 28.23 0.66 -22.51
N GLY A 254 31.33 0.10 -17.08
CA GLY A 254 31.76 -0.87 -16.09
C GLY A 254 30.64 -1.31 -15.16
N CYS A 255 31.00 -1.50 -13.89
CA CYS A 255 30.04 -1.79 -12.84
C CYS A 255 29.65 -0.49 -12.13
N LEU A 256 28.72 -0.58 -11.18
CA LEU A 256 28.06 0.60 -10.63
C LEU A 256 28.72 1.06 -9.33
N SER A 257 28.82 2.38 -9.15
CA SER A 257 29.39 2.92 -7.92
C SER A 257 28.40 2.73 -6.76
N LYS A 258 28.88 2.96 -5.54
CA LYS A 258 28.04 2.79 -4.36
C LYS A 258 26.92 3.82 -4.32
N SER A 259 27.27 5.10 -4.47
CA SER A 259 26.25 6.15 -4.43
C SER A 259 25.37 6.12 -5.67
N GLU A 260 25.88 5.57 -6.78
CA GLU A 260 25.05 5.36 -7.97
C GLU A 260 24.02 4.27 -7.75
N TRP A 261 24.42 3.12 -7.22
CA TRP A 261 23.47 2.04 -7.01
C TRP A 261 22.40 2.43 -5.99
N GLU A 262 22.80 3.12 -4.91
CA GLU A 262 21.82 3.67 -3.97
C GLU A 262 20.78 4.50 -4.68
N ALA A 263 21.14 5.15 -5.78
CA ALA A 263 20.19 6.00 -6.49
C ALA A 263 19.28 5.20 -7.42
N THR A 264 19.81 4.17 -8.10
CA THR A 264 18.96 3.40 -9.00
C THR A 264 18.15 2.34 -8.28
N SER A 265 18.57 1.95 -7.08
CA SER A 265 17.89 0.86 -6.40
C SER A 265 16.55 1.28 -5.81
N ILE A 266 16.19 2.56 -5.86
CA ILE A 266 14.85 2.90 -5.36
C ILE A 266 13.75 2.45 -6.30
N TYR A 267 14.08 2.08 -7.54
CA TYR A 267 13.09 1.89 -8.59
C TYR A 267 12.70 0.43 -8.73
N LEU A 268 11.48 0.21 -9.25
CA LEU A 268 11.02 -1.10 -9.65
C LEU A 268 10.58 -1.03 -11.11
N VAL A 269 10.55 -2.20 -11.76
CA VAL A 269 9.94 -2.38 -13.08
C VAL A 269 8.63 -3.13 -12.91
N PHE A 270 7.68 -2.88 -13.82
CA PHE A 270 6.44 -3.64 -13.83
C PHE A 270 6.01 -3.94 -15.25
N ALA A 271 5.17 -4.97 -15.37
CA ALA A 271 4.61 -5.35 -16.67
C ALA A 271 3.21 -5.89 -16.44
N PHE A 272 2.23 -5.33 -17.15
CA PHE A 272 0.84 -5.76 -17.14
C PHE A 272 0.42 -6.21 -18.55
N GLU A 273 -0.48 -7.20 -18.60
CA GLU A 273 -1.00 -7.75 -19.85
C GLU A 273 -2.51 -7.55 -19.95
N LYS A 274 -2.99 -7.11 -21.12
CA LYS A 274 -4.41 -6.89 -21.30
C LYS A 274 -5.12 -8.23 -21.52
N GLN A 275 -6.21 -8.46 -20.81
CA GLN A 275 -6.88 -9.75 -20.88
C GLN A 275 -7.86 -9.78 -22.05
N GLN A 276 -8.15 -11.00 -22.52
CA GLN A 276 -8.88 -11.25 -23.77
C GLN A 276 -10.37 -10.83 -23.74
N PHE B 6 1.51 -15.51 29.04
CA PHE B 6 0.85 -14.81 30.14
C PHE B 6 1.34 -13.38 30.21
N TYR B 7 2.64 -13.18 30.00
CA TYR B 7 3.22 -11.86 30.16
C TYR B 7 2.81 -10.97 28.99
N LEU B 8 2.78 -11.54 27.79
CA LEU B 8 2.29 -10.85 26.60
C LEU B 8 0.82 -10.48 26.73
N ARG B 9 -0.01 -11.44 27.14
CA ARG B 9 -1.43 -11.17 27.39
C ARG B 9 -1.62 -9.99 28.33
N ASN B 10 -0.76 -9.90 29.35
CA ASN B 10 -0.85 -8.81 30.31
C ASN B 10 -0.37 -7.50 29.69
N PHE B 11 0.73 -7.55 28.94
CA PHE B 11 1.22 -6.35 28.29
C PHE B 11 0.16 -5.79 27.35
N ASN B 12 -0.44 -6.65 26.53
CA ASN B 12 -1.49 -6.21 25.60
C ASN B 12 -2.73 -5.67 26.32
N ASN B 13 -3.08 -6.20 27.49
CA ASN B 13 -4.16 -5.61 28.27
C ASN B 13 -3.82 -4.19 28.71
N TRP B 14 -2.56 -3.98 29.09
CA TRP B 14 -2.16 -2.62 29.44
C TRP B 14 -2.28 -1.69 28.23
N MET B 15 -1.89 -2.17 27.05
CA MET B 15 -2.05 -1.38 25.83
C MET B 15 -3.52 -1.06 25.62
N LYS B 16 -4.37 -2.09 25.71
CA LYS B 16 -5.80 -1.91 25.47
C LYS B 16 -6.42 -1.00 26.53
N SER B 17 -5.99 -1.15 27.79
CA SER B 17 -6.49 -0.31 28.88
C SER B 17 -6.23 1.18 28.62
N VAL B 18 -5.02 1.51 28.18
CA VAL B 18 -4.68 2.92 28.00
C VAL B 18 -5.36 3.48 26.77
N LEU B 19 -5.48 2.67 25.71
CA LEU B 19 -6.17 3.08 24.50
C LEU B 19 -7.67 3.30 24.76
N ILE B 20 -8.34 2.31 25.35
CA ILE B 20 -9.75 2.43 25.70
C ILE B 20 -9.94 3.58 26.70
N GLY B 21 -9.02 3.69 27.65
CA GLY B 21 -9.15 4.73 28.65
C GLY B 21 -9.00 6.13 28.09
N GLU B 22 -8.14 6.31 27.09
CA GLU B 22 -7.99 7.63 26.50
C GLU B 22 -9.32 8.09 25.92
N PHE B 23 -9.99 7.20 25.19
CA PHE B 23 -11.17 7.56 24.44
C PHE B 23 -12.45 7.41 25.24
N LEU B 24 -12.44 6.58 26.30
CA LEU B 24 -13.54 6.64 27.27
C LEU B 24 -13.57 8.00 27.95
N GLU B 25 -12.40 8.50 28.35
CA GLU B 25 -12.32 9.83 28.93
C GLU B 25 -12.85 10.89 27.95
N LYS B 26 -12.40 10.87 26.69
CA LYS B 26 -12.88 11.86 25.72
C LYS B 26 -14.40 11.82 25.55
N VAL B 27 -14.98 10.63 25.54
CA VAL B 27 -16.43 10.53 25.44
C VAL B 27 -17.10 11.12 26.69
N ARG B 28 -16.52 10.87 27.87
CA ARG B 28 -17.11 11.33 29.12
C ARG B 28 -17.07 12.85 29.24
N GLN B 29 -16.07 13.50 28.65
CA GLN B 29 -16.04 14.96 28.59
C GLN B 29 -17.06 15.52 27.61
N LYS B 30 -17.50 14.69 26.65
CA LYS B 30 -18.42 15.08 25.58
C LYS B 30 -19.86 14.77 25.96
N LYS B 31 -20.13 13.51 26.28
CA LYS B 31 -21.48 13.03 26.54
C LYS B 31 -21.81 13.16 28.02
N LYS B 32 -23.11 13.31 28.30
CA LYS B 32 -23.59 13.40 29.66
C LYS B 32 -24.29 12.13 30.14
N ARG B 33 -24.74 11.28 29.22
CA ARG B 33 -25.48 10.09 29.60
C ARG B 33 -25.52 9.14 28.41
N ASP B 34 -25.91 7.90 28.68
CA ASP B 34 -26.21 6.89 27.66
C ASP B 34 -24.96 6.53 26.85
N ILE B 35 -23.83 6.33 27.54
CA ILE B 35 -22.61 5.91 26.89
C ILE B 35 -22.76 4.48 26.38
N THR B 36 -22.61 4.29 25.07
CA THR B 36 -22.89 3.01 24.42
C THR B 36 -21.68 2.58 23.58
N VAL B 37 -21.31 1.29 23.69
CA VAL B 37 -20.06 0.77 23.10
C VAL B 37 -20.38 -0.49 22.29
N LEU B 38 -19.69 -0.67 21.16
CA LEU B 38 -19.76 -1.88 20.35
C LEU B 38 -18.39 -2.55 20.37
N ASP B 39 -18.32 -3.77 20.91
CA ASP B 39 -17.06 -4.49 21.00
C ASP B 39 -17.02 -5.51 19.88
N LEU B 40 -16.42 -5.12 18.76
CA LEU B 40 -16.49 -5.92 17.53
C LEU B 40 -15.35 -6.93 17.53
N GLY B 41 -15.69 -8.20 17.74
CA GLY B 41 -14.71 -9.26 17.83
C GLY B 41 -14.27 -9.55 19.25
N CYS B 42 -15.23 -9.60 20.18
CA CYS B 42 -14.93 -9.53 21.60
C CYS B 42 -14.15 -10.74 22.13
N GLY B 43 -14.20 -11.88 21.44
CA GLY B 43 -13.54 -13.07 21.94
C GLY B 43 -14.23 -13.55 23.21
N LYS B 44 -13.46 -14.19 24.10
CA LYS B 44 -14.02 -14.59 25.38
C LYS B 44 -14.26 -13.44 26.30
N GLY B 45 -14.09 -12.19 25.89
CA GLY B 45 -14.48 -11.07 26.72
C GLY B 45 -13.41 -10.46 27.61
N GLY B 46 -12.16 -10.44 27.18
CA GLY B 46 -11.07 -9.88 27.98
C GLY B 46 -11.14 -8.38 28.22
N ASP B 47 -12.15 -7.68 27.67
CA ASP B 47 -12.26 -6.24 27.85
C ASP B 47 -13.49 -5.83 28.65
N LEU B 48 -14.27 -6.82 29.12
CA LEU B 48 -15.45 -6.53 29.92
C LEU B 48 -15.08 -5.72 31.15
N LEU B 49 -14.01 -6.12 31.84
CA LEU B 49 -13.59 -5.40 33.03
C LEU B 49 -13.28 -3.96 32.70
N LYS B 50 -12.64 -3.72 31.53
CA LYS B 50 -12.28 -2.37 31.10
C LYS B 50 -13.51 -1.50 30.88
N TRP B 51 -14.60 -2.08 30.39
CA TRP B 51 -15.80 -1.31 30.15
C TRP B 51 -16.56 -1.03 31.43
N LYS B 52 -16.53 -1.98 32.37
CA LYS B 52 -17.09 -1.75 33.69
C LYS B 52 -16.37 -0.62 34.41
N LYS B 53 -15.02 -0.61 34.37
CA LYS B 53 -14.24 0.47 34.97
C LYS B 53 -14.52 1.82 34.29
N GLY B 54 -14.88 1.80 33.01
CA GLY B 54 -15.24 3.04 32.33
C GLY B 54 -16.59 3.59 32.69
N ARG B 55 -17.37 2.84 33.48
CA ARG B 55 -18.72 3.23 33.92
C ARG B 55 -19.61 3.60 32.72
N ILE B 56 -19.51 2.82 31.65
CA ILE B 56 -20.36 2.98 30.47
C ILE B 56 -21.77 2.48 30.81
N ASN B 57 -22.72 2.71 29.90
CA ASN B 57 -24.11 2.38 30.18
C ASN B 57 -24.63 1.19 29.41
N LYS B 58 -24.14 0.94 28.18
CA LYS B 58 -24.61 -0.17 27.36
C LYS B 58 -23.47 -0.75 26.54
N LEU B 59 -23.36 -2.08 26.50
CA LEU B 59 -22.34 -2.79 25.76
C LEU B 59 -22.98 -3.77 24.78
N VAL B 60 -22.60 -3.71 23.52
CA VAL B 60 -22.88 -4.79 22.57
C VAL B 60 -21.58 -5.56 22.35
N CYS B 61 -21.63 -6.88 22.56
CA CYS B 61 -20.49 -7.77 22.35
C CYS B 61 -20.78 -8.74 21.21
N THR B 62 -19.90 -8.77 20.19
CA THR B 62 -20.12 -9.63 19.04
C THR B 62 -18.82 -10.29 18.56
N ASP B 63 -18.92 -11.55 18.17
CA ASP B 63 -17.81 -12.32 17.61
C ASP B 63 -18.37 -13.38 16.66
N ILE B 64 -17.50 -13.86 15.76
CA ILE B 64 -17.87 -14.91 14.80
C ILE B 64 -17.88 -16.29 15.46
N ALA B 65 -17.09 -16.50 16.51
CA ALA B 65 -17.07 -17.79 17.22
C ALA B 65 -18.19 -17.80 18.27
N ASP B 66 -19.24 -18.58 17.99
CA ASP B 66 -20.36 -18.64 18.93
C ASP B 66 -19.92 -19.13 20.31
N VAL B 67 -18.94 -20.03 20.36
CA VAL B 67 -18.42 -20.48 21.66
C VAL B 67 -17.80 -19.31 22.42
N SER B 68 -17.09 -18.43 21.72
CA SER B 68 -16.54 -17.26 22.41
C SER B 68 -17.64 -16.34 22.90
N VAL B 69 -18.73 -16.21 22.12
CA VAL B 69 -19.82 -15.32 22.52
C VAL B 69 -20.49 -15.82 23.81
N LYS B 70 -20.66 -17.12 23.94
CA LYS B 70 -21.27 -17.65 25.16
C LYS B 70 -20.35 -17.41 26.37
N GLN B 71 -19.09 -17.85 26.27
CA GLN B 71 -18.13 -17.60 27.35
C GLN B 71 -18.08 -16.12 27.71
N CYS B 72 -18.17 -15.25 26.71
CA CYS B 72 -18.18 -13.82 27.00
C CYS B 72 -19.45 -13.44 27.76
N GLN B 73 -20.60 -13.91 27.28
CA GLN B 73 -21.87 -13.70 27.98
C GLN B 73 -21.81 -14.23 29.39
N GLN B 74 -21.31 -15.46 29.56
CA GLN B 74 -21.23 -16.04 30.90
C GLN B 74 -20.36 -15.20 31.82
N ARG B 75 -19.18 -14.78 31.34
CA ARG B 75 -18.30 -13.94 32.16
C ARG B 75 -18.98 -12.65 32.56
N TYR B 76 -19.79 -12.07 31.66
CA TYR B 76 -20.59 -10.92 32.02
C TYR B 76 -21.58 -11.26 33.12
N GLU B 77 -22.36 -12.33 32.93
CA GLU B 77 -23.34 -12.70 33.94
C GLU B 77 -22.67 -12.91 35.29
N ASP B 78 -21.53 -13.58 35.30
CA ASP B 78 -20.82 -13.76 36.56
C ASP B 78 -20.45 -12.43 37.19
N MET B 79 -19.98 -11.47 36.39
CA MET B 79 -19.55 -10.25 37.05
C MET B 79 -20.73 -9.34 37.38
N LYS B 80 -21.86 -9.51 36.67
CA LYS B 80 -23.09 -8.83 37.08
C LYS B 80 -23.53 -9.26 38.48
N ASN B 81 -23.35 -10.53 38.83
CA ASN B 81 -23.89 -11.11 40.06
C ASN B 81 -22.96 -10.99 41.28
N ARG B 82 -21.69 -10.62 41.09
CA ARG B 82 -20.82 -10.25 42.21
C ARG B 82 -21.32 -8.95 42.85
N ILE B 88 -23.76 -1.82 36.97
CA ILE B 88 -23.10 -2.32 35.77
C ILE B 88 -23.90 -2.07 34.49
N PHE B 89 -23.18 -1.87 33.39
CA PHE B 89 -23.80 -1.64 32.10
C PHE B 89 -24.66 -2.83 31.68
N SER B 90 -25.69 -2.54 30.89
CA SER B 90 -26.47 -3.57 30.22
C SER B 90 -25.75 -4.03 28.97
N ALA B 91 -25.79 -5.33 28.70
CA ALA B 91 -24.94 -5.92 27.69
C ALA B 91 -25.76 -6.78 26.75
N GLU B 92 -25.32 -6.82 25.50
CA GLU B 92 -25.93 -7.61 24.45
C GLU B 92 -24.87 -8.50 23.82
N PHE B 93 -25.26 -9.73 23.45
CA PHE B 93 -24.33 -10.74 22.91
C PHE B 93 -24.89 -11.31 21.62
N ILE B 94 -24.18 -11.06 20.52
CA ILE B 94 -24.59 -11.45 19.18
C ILE B 94 -23.46 -12.25 18.54
N THR B 95 -23.81 -13.41 18.00
CA THR B 95 -22.87 -14.18 17.19
C THR B 95 -23.07 -13.81 15.73
N ALA B 96 -22.01 -13.37 15.07
CA ALA B 96 -22.15 -13.01 13.67
C ALA B 96 -20.78 -12.81 13.03
N ASP B 97 -20.72 -13.03 11.72
CA ASP B 97 -19.57 -12.60 10.93
C ASP B 97 -19.79 -11.13 10.61
N SER B 98 -19.05 -10.24 11.29
CA SER B 98 -19.19 -8.81 11.07
C SER B 98 -18.55 -8.34 9.75
N SER B 99 -17.96 -9.27 8.95
CA SER B 99 -17.46 -8.95 7.62
C SER B 99 -18.42 -9.37 6.52
N LYS B 100 -19.46 -10.14 6.83
CA LYS B 100 -20.47 -10.56 5.86
C LYS B 100 -21.91 -10.21 6.26
N GLU B 101 -22.19 -10.02 7.55
CA GLU B 101 -23.53 -9.69 8.03
C GLU B 101 -23.58 -8.24 8.50
N LEU B 102 -24.76 -7.66 8.39
CA LEU B 102 -25.05 -6.38 8.99
C LEU B 102 -25.51 -6.58 10.44
N LEU B 103 -24.73 -6.03 11.39
CA LEU B 103 -25.05 -6.15 12.82
C LEU B 103 -26.33 -5.41 13.16
N ILE B 104 -26.64 -4.37 12.39
CA ILE B 104 -27.94 -3.72 12.45
C ILE B 104 -29.09 -4.71 12.37
N ASP B 105 -28.92 -5.83 11.65
CA ASP B 105 -29.96 -6.86 11.54
C ASP B 105 -30.18 -7.61 12.84
N LYS B 106 -29.29 -7.44 13.82
CA LYS B 106 -29.29 -8.30 15.00
C LYS B 106 -29.35 -7.53 16.32
N PHE B 107 -29.11 -6.21 16.33
CA PHE B 107 -29.35 -5.46 17.54
C PHE B 107 -30.81 -5.57 17.94
N ARG B 108 -31.05 -5.69 19.24
CA ARG B 108 -32.40 -5.59 19.78
C ARG B 108 -33.08 -4.33 19.28
N ASP B 109 -32.31 -3.24 19.13
CA ASP B 109 -32.81 -1.97 18.62
C ASP B 109 -32.03 -1.60 17.37
N PRO B 110 -32.62 -1.72 16.17
CA PRO B 110 -31.85 -1.51 14.93
C PRO B 110 -31.46 -0.08 14.64
N GLN B 111 -31.89 0.90 15.44
CA GLN B 111 -31.45 2.28 15.26
C GLN B 111 -30.56 2.76 16.41
N MET B 112 -30.04 1.86 17.22
CA MET B 112 -29.13 2.29 18.26
C MET B 112 -27.86 2.84 17.63
N CYS B 113 -27.23 3.77 18.33
CA CYS B 113 -25.99 4.37 17.90
C CYS B 113 -24.91 4.09 18.94
N PHE B 114 -23.66 4.25 18.54
CA PHE B 114 -22.54 3.96 19.41
C PHE B 114 -21.66 5.18 19.63
N ASP B 115 -21.05 5.22 20.81
CA ASP B 115 -20.06 6.25 21.08
C ASP B 115 -18.66 5.76 20.76
N ILE B 116 -18.39 4.49 20.99
CA ILE B 116 -17.12 3.87 20.65
C ILE B 116 -17.41 2.51 20.02
N CYS B 117 -16.78 2.24 18.87
CA CYS B 117 -16.57 0.88 18.43
C CYS B 117 -15.13 0.50 18.73
N SER B 118 -14.94 -0.52 19.55
CA SER B 118 -13.61 -1.02 19.86
C SER B 118 -13.41 -2.36 19.16
N CYS B 119 -12.26 -2.52 18.50
CA CYS B 119 -12.05 -3.68 17.63
C CYS B 119 -10.57 -4.07 17.80
N GLN B 120 -10.32 -5.04 18.66
CA GLN B 120 -8.98 -5.33 19.15
C GLN B 120 -8.49 -6.63 18.53
N PHE B 121 -7.47 -6.54 17.66
CA PHE B 121 -6.87 -7.70 16.99
C PHE B 121 -7.90 -8.47 16.15
N VAL B 122 -8.79 -7.72 15.48
CA VAL B 122 -9.89 -8.30 14.72
C VAL B 122 -9.88 -7.85 13.26
N CYS B 123 -9.51 -6.60 13.01
CA CYS B 123 -9.77 -5.97 11.71
C CYS B 123 -9.17 -6.74 10.55
N HIS B 124 -7.95 -7.24 10.71
CA HIS B 124 -7.23 -7.78 9.57
C HIS B 124 -7.89 -9.03 9.00
N TYR B 125 -8.71 -9.73 9.80
CA TYR B 125 -9.41 -10.89 9.25
C TYR B 125 -10.42 -10.50 8.18
N SER B 126 -10.76 -9.22 8.06
CA SER B 126 -11.73 -8.78 7.07
C SER B 126 -11.09 -8.33 5.76
N PHE B 127 -9.76 -8.24 5.70
CA PHE B 127 -9.12 -7.86 4.44
C PHE B 127 -8.90 -9.06 3.51
N GLU B 128 -9.58 -10.16 3.81
CA GLU B 128 -9.76 -11.25 2.86
C GLU B 128 -10.24 -10.74 1.51
N SER B 129 -11.09 -9.73 1.49
CA SER B 129 -11.67 -9.23 0.26
C SER B 129 -12.18 -7.82 0.49
N TYR B 130 -12.46 -7.14 -0.62
CA TYR B 130 -12.92 -5.75 -0.53
C TYR B 130 -14.27 -5.65 0.18
N GLU B 131 -15.22 -6.52 -0.19
CA GLU B 131 -16.56 -6.43 0.37
C GLU B 131 -16.55 -6.69 1.88
N GLN B 132 -15.71 -7.63 2.32
CA GLN B 132 -15.65 -7.98 3.73
C GLN B 132 -15.04 -6.85 4.57
N ALA B 133 -13.96 -6.20 4.07
CA ALA B 133 -13.37 -5.11 4.82
C ALA B 133 -14.31 -3.91 4.88
N ASP B 134 -14.94 -3.59 3.76
CA ASP B 134 -15.96 -2.54 3.73
C ASP B 134 -17.10 -2.85 4.69
N MET B 135 -17.50 -4.12 4.76
CA MET B 135 -18.62 -4.48 5.61
C MET B 135 -18.27 -4.29 7.09
N MET B 136 -17.09 -4.76 7.51
CA MET B 136 -16.69 -4.60 8.90
C MET B 136 -16.52 -3.13 9.28
N LEU B 137 -16.05 -2.30 8.35
CA LEU B 137 -15.98 -0.86 8.60
C LEU B 137 -17.37 -0.27 8.78
N ARG B 138 -18.30 -0.64 7.89
CA ARG B 138 -19.68 -0.20 8.06
C ARG B 138 -20.19 -0.58 9.44
N ASN B 139 -19.99 -1.85 9.82
CA ASN B 139 -20.46 -2.30 11.12
C ASN B 139 -19.79 -1.56 12.27
N ALA B 140 -18.57 -1.07 12.07
CA ALA B 140 -17.84 -0.40 13.13
C ALA B 140 -18.07 1.12 13.16
N CYS B 141 -18.45 1.74 12.05
CA CYS B 141 -18.55 3.19 11.97
C CYS B 141 -19.93 3.72 11.59
N GLU B 142 -20.75 2.96 10.87
CA GLU B 142 -22.04 3.48 10.39
C GLU B 142 -22.88 4.02 11.54
N ARG B 143 -22.96 3.28 12.64
CA ARG B 143 -23.82 3.67 13.75
C ARG B 143 -23.07 4.49 14.80
N LEU B 144 -21.88 4.97 14.49
CA LEU B 144 -21.18 5.85 15.43
C LEU B 144 -21.87 7.20 15.46
N SER B 145 -22.18 7.68 16.67
CA SER B 145 -22.70 9.04 16.79
C SER B 145 -21.64 10.04 16.32
N PRO B 146 -22.05 11.23 15.88
CA PRO B 146 -21.08 12.28 15.58
C PRO B 146 -20.13 12.46 16.76
N GLY B 147 -18.85 12.62 16.45
CA GLY B 147 -17.83 12.65 17.48
C GLY B 147 -17.46 11.30 18.06
N GLY B 148 -18.09 10.22 17.62
CA GLY B 148 -17.76 8.89 18.11
C GLY B 148 -16.35 8.46 17.74
N TYR B 149 -15.96 7.30 18.24
CA TYR B 149 -14.61 6.82 17.99
C TYR B 149 -14.63 5.38 17.50
N PHE B 150 -13.76 5.08 16.52
CA PHE B 150 -13.44 3.73 16.06
C PHE B 150 -11.98 3.48 16.41
N ILE B 151 -11.74 2.59 17.36
CA ILE B 151 -10.40 2.38 17.91
C ILE B 151 -10.08 0.89 17.79
N GLY B 152 -8.79 0.59 17.71
CA GLY B 152 -8.43 -0.80 17.53
C GLY B 152 -6.94 -1.04 17.46
N THR B 153 -6.61 -2.32 17.27
CA THR B 153 -5.23 -2.78 17.16
C THR B 153 -5.16 -3.80 16.06
N THR B 154 -4.07 -3.75 15.28
CA THR B 154 -3.95 -4.64 14.14
C THR B 154 -2.48 -4.71 13.73
N PRO B 155 -2.04 -5.83 13.12
CA PRO B 155 -0.62 -5.95 12.77
C PRO B 155 -0.23 -4.92 11.73
N ASN B 156 0.94 -4.33 11.93
CA ASN B 156 1.48 -3.27 11.07
C ASN B 156 2.05 -3.90 9.81
N SER B 157 1.38 -3.70 8.66
CA SER B 157 1.76 -4.39 7.42
C SER B 157 3.22 -4.14 7.04
N PHE B 158 3.71 -2.92 7.27
CA PHE B 158 5.09 -2.57 6.93
C PHE B 158 6.09 -3.41 7.71
N GLU B 159 5.87 -3.56 9.01
CA GLU B 159 6.77 -4.39 9.82
C GLU B 159 6.71 -5.84 9.39
N LEU B 160 5.54 -6.34 9.00
CA LEU B 160 5.48 -7.72 8.50
C LEU B 160 6.22 -7.86 7.16
N ILE B 161 6.10 -6.87 6.26
CA ILE B 161 6.80 -7.00 4.98
C ILE B 161 8.30 -6.83 5.18
N ARG B 162 8.71 -5.83 5.98
CA ARG B 162 10.13 -5.64 6.27
C ARG B 162 10.78 -6.93 6.73
N ARG B 163 10.16 -7.61 7.69
CA ARG B 163 10.75 -8.82 8.24
C ARG B 163 10.78 -9.94 7.20
N LEU B 164 9.72 -10.05 6.39
CA LEU B 164 9.65 -11.08 5.36
C LEU B 164 10.72 -10.89 4.30
N GLU B 165 10.93 -9.66 3.84
CA GLU B 165 12.03 -9.39 2.92
C GLU B 165 13.36 -9.84 3.52
N ALA B 166 13.70 -9.28 4.69
CA ALA B 166 15.00 -9.53 5.34
C ALA B 166 15.23 -11.01 5.68
N SER B 167 14.19 -11.82 5.69
CA SER B 167 14.38 -13.24 5.93
C SER B 167 14.95 -13.93 4.69
N GLU B 168 15.27 -15.22 4.86
CA GLU B 168 15.60 -16.09 3.74
C GLU B 168 14.35 -16.80 3.24
N THR B 169 13.66 -17.49 4.15
CA THR B 169 12.42 -18.21 3.87
C THR B 169 11.28 -17.19 3.67
N GLU B 170 10.08 -17.71 3.39
CA GLU B 170 8.83 -16.97 3.55
C GLU B 170 8.38 -17.02 5.03
N SER B 171 9.35 -17.01 5.94
CA SER B 171 9.06 -17.24 7.35
C SER B 171 10.07 -16.53 8.23
N PHE B 172 9.58 -16.00 9.35
CA PHE B 172 10.41 -15.44 10.40
C PHE B 172 9.67 -15.62 11.72
N GLY B 173 10.42 -15.57 12.82
CA GLY B 173 9.80 -15.67 14.12
C GLY B 173 10.80 -16.08 15.19
N ASN B 174 10.27 -16.72 16.24
CA ASN B 174 11.08 -17.24 17.34
C ASN B 174 10.25 -18.28 18.11
N GLU B 175 10.63 -18.54 19.36
CA GLU B 175 9.97 -19.60 20.12
C GLU B 175 8.53 -19.26 20.47
N ILE B 176 8.14 -17.99 20.39
CA ILE B 176 6.79 -17.57 20.74
C ILE B 176 5.87 -17.59 19.54
N TYR B 177 6.34 -17.02 18.43
CA TYR B 177 5.51 -16.74 17.27
C TYR B 177 6.24 -17.08 15.97
N THR B 178 5.52 -17.62 15.02
CA THR B 178 6.04 -17.78 13.68
C THR B 178 5.10 -17.16 12.67
N VAL B 179 5.66 -16.41 11.71
CA VAL B 179 4.87 -15.84 10.62
C VAL B 179 5.35 -16.47 9.32
N LYS B 180 4.45 -17.18 8.64
CA LYS B 180 4.69 -17.78 7.34
C LYS B 180 3.80 -17.10 6.30
N PHE B 181 4.43 -16.51 5.29
CA PHE B 181 3.73 -15.88 4.16
C PHE B 181 3.55 -16.90 3.02
N GLN B 182 2.43 -16.76 2.29
CA GLN B 182 2.13 -17.69 1.19
C GLN B 182 3.08 -17.51 0.01
N LYS B 183 3.62 -16.30 -0.19
CA LYS B 183 4.72 -16.05 -1.11
C LYS B 183 5.21 -14.61 -0.89
N LYS B 184 6.29 -14.27 -1.57
CA LYS B 184 7.02 -13.04 -1.31
C LYS B 184 6.97 -12.12 -2.53
N GLY B 185 7.03 -10.81 -2.27
CA GLY B 185 6.93 -9.81 -3.30
C GLY B 185 5.52 -9.52 -3.78
N ASP B 186 4.54 -10.33 -3.40
CA ASP B 186 3.16 -10.17 -3.85
C ASP B 186 2.29 -9.86 -2.63
N TYR B 187 1.89 -8.61 -2.49
CA TYR B 187 1.17 -8.13 -1.31
C TYR B 187 -0.11 -7.44 -1.75
N PRO B 188 -1.08 -8.20 -2.27
CA PRO B 188 -2.32 -7.57 -2.76
C PRO B 188 -3.08 -6.82 -1.67
N LEU B 189 -3.75 -5.73 -2.08
CA LEU B 189 -4.61 -4.97 -1.17
C LEU B 189 -5.58 -5.86 -0.41
N PHE B 190 -6.00 -6.96 -1.01
CA PHE B 190 -7.00 -7.83 -0.42
C PHE B 190 -6.57 -9.27 -0.60
N GLY B 191 -6.87 -10.10 0.39
CA GLY B 191 -6.57 -11.52 0.29
C GLY B 191 -5.10 -11.89 0.36
N CYS B 192 -4.22 -10.95 0.69
CA CYS B 192 -2.83 -11.28 0.98
C CYS B 192 -2.79 -12.08 2.27
N LYS B 193 -2.63 -13.39 2.15
CA LYS B 193 -2.77 -14.30 3.28
C LYS B 193 -1.41 -14.60 3.90
N TYR B 194 -1.41 -14.77 5.22
CA TYR B 194 -0.24 -15.26 5.92
C TYR B 194 -0.69 -16.01 7.17
N ASP B 195 0.23 -16.79 7.72
CA ASP B 195 -0.04 -17.58 8.91
C ASP B 195 0.61 -16.94 10.11
N PHE B 196 -0.17 -16.75 11.17
CA PHE B 196 0.36 -16.26 12.43
C PHE B 196 0.25 -17.39 13.45
N ASN B 197 1.41 -17.99 13.79
CA ASN B 197 1.48 -19.14 14.69
C ASN B 197 1.84 -18.64 16.08
N LEU B 198 0.84 -18.53 16.94
CA LEU B 198 1.07 -18.30 18.36
C LEU B 198 1.36 -19.67 18.98
N GLU B 199 2.65 -20.00 19.12
CA GLU B 199 3.06 -21.30 19.62
C GLU B 199 2.95 -21.33 21.15
N GLY B 200 2.06 -22.19 21.67
CA GLY B 200 1.14 -23.01 20.92
C GLY B 200 -0.26 -22.76 21.45
N VAL B 201 -0.78 -21.57 21.16
CA VAL B 201 -2.16 -21.23 21.52
C VAL B 201 -3.04 -21.44 20.29
N VAL B 202 -2.79 -20.64 19.26
CA VAL B 202 -3.57 -20.66 18.03
C VAL B 202 -2.64 -20.43 16.86
N ASP B 203 -3.05 -20.98 15.71
CA ASP B 203 -2.45 -20.66 14.41
C ASP B 203 -3.62 -20.33 13.48
N VAL B 204 -3.74 -19.05 13.11
CA VAL B 204 -4.91 -18.57 12.38
C VAL B 204 -4.49 -17.92 11.06
N PRO B 205 -5.25 -18.13 9.99
CA PRO B 205 -5.03 -17.33 8.78
C PRO B 205 -5.36 -15.86 9.04
N GLU B 206 -4.41 -14.99 8.71
CA GLU B 206 -4.58 -13.54 8.80
C GLU B 206 -4.40 -12.90 7.43
N PHE B 207 -4.78 -11.64 7.33
CA PHE B 207 -4.71 -10.91 6.07
C PHE B 207 -4.03 -9.56 6.28
N LEU B 208 -3.21 -9.17 5.30
CA LEU B 208 -2.46 -7.93 5.41
C LEU B 208 -3.41 -6.74 5.33
N VAL B 209 -3.13 -5.73 6.14
CA VAL B 209 -3.88 -4.47 6.13
C VAL B 209 -2.87 -3.38 5.86
N TYR B 210 -2.87 -2.85 4.64
CA TYR B 210 -2.10 -1.66 4.34
C TYR B 210 -2.83 -0.49 4.99
N PHE B 211 -2.27 0.04 6.09
CA PHE B 211 -3.01 1.04 6.87
C PHE B 211 -3.50 2.22 6.04
N PRO B 212 -2.75 2.78 5.10
CA PRO B 212 -3.33 3.85 4.28
C PRO B 212 -4.60 3.42 3.57
N LEU B 213 -4.73 2.13 3.19
CA LEU B 213 -5.97 1.65 2.58
C LEU B 213 -7.14 1.74 3.56
N LEU B 214 -6.93 1.29 4.81
CA LEU B 214 -7.96 1.34 5.85
C LEU B 214 -8.39 2.78 6.13
N ASN B 215 -7.41 3.69 6.22
CA ASN B 215 -7.71 5.11 6.44
C ASN B 215 -8.59 5.69 5.35
N GLU B 216 -8.25 5.44 4.09
CA GLU B 216 -9.06 5.93 2.99
C GLU B 216 -10.43 5.28 3.00
N MET B 217 -10.49 3.97 3.26
CA MET B 217 -11.77 3.27 3.31
C MET B 217 -12.68 3.86 4.39
N ALA B 218 -12.13 4.14 5.59
CA ALA B 218 -12.97 4.69 6.66
C ALA B 218 -13.62 6.02 6.28
N LYS B 219 -13.06 6.74 5.29
CA LYS B 219 -13.66 7.99 4.87
C LYS B 219 -15.05 7.77 4.28
N LYS B 220 -15.32 6.58 3.74
CA LYS B 220 -16.66 6.27 3.24
C LYS B 220 -17.69 6.47 4.33
N TYR B 221 -17.29 6.29 5.58
CA TYR B 221 -18.16 6.42 6.73
C TYR B 221 -17.83 7.66 7.55
N ASN B 222 -17.23 8.66 6.88
CA ASN B 222 -17.15 10.01 7.42
C ASN B 222 -16.30 10.03 8.67
N MET B 223 -15.23 9.25 8.64
CA MET B 223 -14.30 9.18 9.75
C MET B 223 -12.99 9.83 9.33
N LYS B 224 -12.25 10.30 10.32
CA LYS B 224 -10.94 10.90 10.13
C LYS B 224 -9.97 10.32 11.14
N LEU B 225 -8.72 10.19 10.70
CA LEU B 225 -7.65 9.70 11.56
C LEU B 225 -7.46 10.59 12.79
N VAL B 226 -7.46 9.99 13.97
CA VAL B 226 -6.98 10.69 15.15
C VAL B 226 -5.48 10.43 15.30
N TYR B 227 -5.08 9.16 15.39
CA TYR B 227 -3.65 8.86 15.23
C TYR B 227 -3.47 7.40 14.83
N LYS B 228 -2.28 7.14 14.31
CA LYS B 228 -1.80 5.79 14.05
C LYS B 228 -0.42 5.70 14.68
N LYS B 229 -0.23 4.72 15.57
CA LYS B 229 1.01 4.62 16.32
C LYS B 229 1.43 3.16 16.40
N THR B 230 2.67 2.88 15.98
CA THR B 230 3.25 1.57 16.27
C THR B 230 3.13 1.29 17.76
N PHE B 231 3.14 0.02 18.12
CA PHE B 231 3.17 -0.35 19.52
C PHE B 231 4.29 0.36 20.26
N LEU B 232 5.48 0.47 19.64
CA LEU B 232 6.57 1.18 20.26
C LEU B 232 6.19 2.61 20.57
N GLU B 233 5.80 3.37 19.54
CA GLU B 233 5.39 4.75 19.74
C GLU B 233 4.32 4.85 20.83
N PHE B 234 3.27 4.02 20.74
CA PHE B 234 2.19 4.07 21.72
C PHE B 234 2.72 3.88 23.13
N TYR B 235 3.56 2.87 23.32
CA TYR B 235 4.15 2.63 24.64
C TYR B 235 4.95 3.85 25.11
N GLU B 236 5.79 4.41 24.22
CA GLU B 236 6.75 5.44 24.64
C GLU B 236 6.03 6.73 25.04
N GLU B 237 4.97 7.08 24.31
CA GLU B 237 4.16 8.22 24.67
C GLU B 237 3.28 7.95 25.88
N LYS B 238 2.57 6.82 25.90
CA LYS B 238 1.65 6.54 27.00
C LYS B 238 2.37 6.29 28.32
N ILE B 239 3.65 5.91 28.30
CA ILE B 239 4.38 5.63 29.54
C ILE B 239 4.66 6.91 30.33
N LYS B 240 4.81 8.05 29.66
CA LYS B 240 5.08 9.30 30.34
C LYS B 240 3.94 9.73 31.27
N ASN B 241 2.73 9.21 31.08
CA ASN B 241 1.63 9.55 31.98
C ASN B 241 1.78 8.81 33.31
N ASN B 242 1.24 9.40 34.37
CA ASN B 242 1.49 8.87 35.70
C ASN B 242 0.60 7.69 36.02
N GLU B 243 -0.72 7.85 35.81
CA GLU B 243 -1.65 6.77 36.11
C GLU B 243 -1.37 5.55 35.22
N ASN B 244 -0.94 5.81 33.99
CA ASN B 244 -0.53 4.72 33.10
C ASN B 244 0.66 3.94 33.68
N LYS B 245 1.65 4.66 34.24
CA LYS B 245 2.79 4.00 34.86
C LYS B 245 2.39 3.30 36.16
N MET B 246 1.53 3.95 36.96
CA MET B 246 0.97 3.30 38.15
C MET B 246 0.31 1.97 37.78
N LEU B 247 -0.49 1.98 36.71
CA LEU B 247 -1.20 0.76 36.30
C LEU B 247 -0.22 -0.32 35.83
N LEU B 248 0.90 0.09 35.22
CA LEU B 248 1.87 -0.87 34.72
C LEU B 248 2.54 -1.62 35.87
N LYS B 249 2.94 -0.90 36.92
CA LYS B 249 3.49 -1.54 38.11
C LYS B 249 2.43 -2.37 38.84
N ARG B 250 1.23 -1.81 39.00
CA ARG B 250 0.15 -2.53 39.66
C ARG B 250 -0.25 -3.78 38.89
N MET B 251 0.10 -3.89 37.62
CA MET B 251 -0.20 -5.05 36.81
C MET B 251 0.93 -6.07 36.77
N GLY B 252 2.08 -5.77 37.39
CA GLY B 252 3.18 -6.72 37.41
C GLY B 252 4.08 -6.66 36.19
N LEU B 253 4.13 -5.52 35.52
CA LEU B 253 4.75 -5.38 34.21
C LEU B 253 5.98 -4.49 34.32
N GLY B 254 7.10 -4.99 33.82
CA GLY B 254 8.32 -4.21 33.76
C GLY B 254 8.82 -4.16 32.33
N CYS B 255 9.78 -5.01 32.02
CA CYS B 255 10.39 -5.08 30.70
C CYS B 255 9.97 -6.37 30.00
N LEU B 256 9.52 -6.27 28.75
CA LEU B 256 9.37 -7.44 27.90
C LEU B 256 10.73 -8.06 27.58
N SER B 257 10.75 -9.40 27.53
CA SER B 257 11.89 -10.08 26.97
C SER B 257 12.00 -9.81 25.47
N LYS B 258 13.20 -10.06 24.92
CA LYS B 258 13.46 -9.76 23.51
C LYS B 258 12.51 -10.52 22.60
N SER B 259 12.29 -11.80 22.88
CA SER B 259 11.40 -12.58 22.03
C SER B 259 9.98 -12.04 22.10
N GLU B 260 9.55 -11.59 23.28
CA GLU B 260 8.22 -11.02 23.46
C GLU B 260 8.11 -9.64 22.82
N TRP B 261 9.16 -8.82 22.95
CA TRP B 261 9.16 -7.54 22.24
C TRP B 261 9.02 -7.74 20.74
N GLU B 262 9.77 -8.68 20.19
CA GLU B 262 9.69 -8.96 18.77
C GLU B 262 8.28 -9.37 18.35
N ALA B 263 7.61 -10.17 19.18
CA ALA B 263 6.26 -10.63 18.84
C ALA B 263 5.24 -9.50 18.90
N THR B 264 5.39 -8.59 19.88
CA THR B 264 4.38 -7.56 20.07
C THR B 264 4.67 -6.28 19.29
N SER B 265 5.94 -6.00 18.96
CA SER B 265 6.24 -4.87 18.10
C SER B 265 5.68 -5.02 16.69
N ILE B 266 5.14 -6.20 16.33
CA ILE B 266 4.45 -6.35 15.05
C ILE B 266 3.26 -5.41 14.94
N TYR B 267 2.64 -5.04 16.06
CA TYR B 267 1.31 -4.44 16.02
C TYR B 267 1.35 -2.91 16.12
N LEU B 268 0.28 -2.28 15.62
CA LEU B 268 0.05 -0.86 15.77
C LEU B 268 -1.34 -0.64 16.37
N VAL B 269 -1.58 0.60 16.82
CA VAL B 269 -2.88 1.01 17.34
C VAL B 269 -3.38 2.15 16.45
N PHE B 270 -4.70 2.20 16.27
CA PHE B 270 -5.31 3.23 15.47
C PHE B 270 -6.56 3.78 16.15
N ALA B 271 -6.82 5.05 15.91
CA ALA B 271 -8.00 5.71 16.44
C ALA B 271 -8.56 6.66 15.39
N PHE B 272 -9.81 6.44 14.99
CA PHE B 272 -10.54 7.27 14.04
C PHE B 272 -11.67 7.96 14.78
N GLU B 273 -12.26 8.97 14.14
CA GLU B 273 -13.33 9.72 14.77
C GLU B 273 -14.37 10.16 13.75
N LYS B 274 -15.64 9.93 14.09
CA LYS B 274 -16.76 10.29 13.22
C LYS B 274 -16.90 11.80 13.14
N GLN B 275 -16.88 12.32 11.93
CA GLN B 275 -17.01 13.75 11.66
C GLN B 275 -18.49 14.15 11.71
N GLN B 276 -18.73 15.43 11.46
CA GLN B 276 -20.09 15.97 11.42
C GLN B 276 -20.51 16.16 9.96
N SAH C . 10.16 8.37 -20.33
CA SAH C . 11.35 9.19 -20.57
CB SAH C . 11.42 10.42 -19.66
CG SAH C . 11.19 10.24 -18.16
SD SAH C . 11.31 11.79 -17.20
C SAH C . 12.58 8.32 -20.41
O SAH C . 13.65 8.68 -20.89
OXT SAH C . 12.53 7.23 -19.83
C5' SAH C . 9.57 11.86 -16.74
C4' SAH C . 8.77 12.54 -17.83
O4' SAH C . 7.40 12.39 -17.55
C3' SAH C . 9.03 14.04 -18.02
O3' SAH C . 9.56 14.32 -19.30
C2' SAH C . 7.65 14.65 -17.82
O2' SAH C . 7.31 15.73 -18.65
C1' SAH C . 6.71 13.50 -18.07
N9 SAH C . 5.44 13.74 -17.35
C8 SAH C . 5.31 14.14 -16.04
N7 SAH C . 3.99 14.25 -15.76
C5 SAH C . 3.29 13.93 -16.87
C6 SAH C . 1.94 13.89 -17.13
N6 SAH C . 1.07 14.19 -16.17
N1 SAH C . 1.52 13.52 -18.39
C2 SAH C . 2.43 13.21 -19.38
N3 SAH C . 3.77 13.26 -19.12
C4 SAH C . 4.20 13.60 -17.88
C13 O94 D . 14.89 10.66 -12.27
C17 O94 D . 15.38 8.36 -15.00
C20 O94 D . 17.03 7.50 -13.18
C21 O94 D . 17.06 6.80 -12.00
C22 O94 D . 18.06 7.02 -11.06
C24 O94 D . 19.03 8.67 -12.51
O01 O94 D . 9.97 16.83 -15.47
C02 O94 D . 10.99 15.86 -15.32
C03 O94 D . 10.77 14.72 -14.51
C04 O94 D . 11.78 13.75 -14.34
C05 O94 D . 13.02 13.95 -15.00
C06 O94 D . 14.29 13.22 -15.10
N07 O94 D . 15.07 13.95 -15.87
N08 O94 D . 14.43 15.05 -16.28
C09 O94 D . 13.17 15.11 -15.78
N10 O94 D . 12.17 16.03 -15.93
C11 O94 D . 14.73 11.85 -14.42
C12 O94 D . 14.47 11.90 -12.97
C14 O94 D . 14.26 9.43 -12.93
N15 O94 D . 14.59 9.40 -14.38
C16 O94 D . 14.05 10.62 -15.06
O18 O94 D . 15.63 8.40 -16.15
C19 O94 D . 15.89 7.20 -14.17
C23 O94 D . 19.04 7.95 -11.32
C25 O94 D . 18.02 8.45 -13.45
F26 O94 D . 20.03 8.16 -10.39
S SO4 E . 17.93 10.95 -22.73
O1 SO4 E . 18.47 11.70 -21.58
O2 SO4 E . 16.95 9.97 -22.28
O3 SO4 E . 17.29 11.87 -23.65
O4 SO4 E . 19.05 10.26 -23.38
C1 GOL F . 14.65 12.21 -21.81
O1 GOL F . 14.04 10.97 -22.18
C2 GOL F . 14.08 12.77 -20.45
O2 GOL F . 15.01 12.74 -19.41
C3 GOL F . 13.66 14.23 -20.80
O3 GOL F . 13.49 14.96 -19.60
C1 GOL G . 2.32 18.83 -32.02
O1 GOL G . 3.29 17.98 -32.52
C2 GOL G . 2.61 19.02 -30.50
O2 GOL G . 3.63 19.95 -30.24
C3 GOL G . 1.23 19.44 -29.88
O3 GOL G . 0.50 18.27 -29.61
N SAH H . -10.91 -8.71 21.35
CA SAH H . -10.35 -9.84 22.06
CB SAH H . -10.08 -11.03 21.12
CG SAH H . -9.14 -10.90 19.91
SD SAH H . -8.69 -12.52 19.17
C SAH H . -9.07 -9.44 22.77
O SAH H . -8.45 -8.41 22.47
OXT SAH H . -8.65 -10.15 23.71
C5' SAH H . -9.58 -12.25 17.59
C4' SAH H . -11.10 -12.46 17.61
O4' SAH H . -11.69 -11.95 16.42
C3' SAH H . -11.57 -13.91 17.71
O3' SAH H . -12.48 -14.04 18.77
C2' SAH H . -12.29 -14.17 16.41
O2' SAH H . -13.41 -15.01 16.48
C1' SAH H . -12.76 -12.79 16.05
N9 SAH H . -13.11 -12.72 14.62
C8 SAH H . -12.40 -13.22 13.58
N7 SAH H . -13.08 -12.96 12.44
C5 SAH H . -14.22 -12.29 12.76
C6 SAH H . -15.26 -11.78 12.01
N6 SAH H . -15.27 -11.92 10.69
N1 SAH H . -16.32 -11.14 12.64
C2 SAH H . -16.32 -11.01 14.02
N3 SAH H . -15.28 -11.53 14.76
C4 SAH H . -14.24 -12.14 14.14
C13 O94 I . -2.59 -12.80 18.16
C17 O94 I . -3.80 -10.81 20.97
C20 O94 I . -1.24 -10.60 21.09
C21 O94 I . -0.30 -10.22 20.15
C22 O94 I . 0.93 -10.85 20.05
C24 O94 I . 0.29 -12.32 21.86
O01 O94 I . -9.56 -16.96 16.25
C02 O94 I . -8.53 -16.38 17.00
C03 O94 I . -7.85 -15.26 16.47
C04 O94 I . -6.81 -14.66 17.18
C05 O94 I . -6.50 -15.23 18.43
C06 O94 I . -5.52 -14.93 19.46
N07 O94 I . -5.71 -15.81 20.41
N08 O94 I . -6.69 -16.65 20.11
C09 O94 I . -7.21 -16.33 18.91
N10 O94 I . -8.20 -16.87 18.17
C11 O94 I . -4.46 -13.78 19.43
C12 O94 I . -3.60 -13.89 18.21
C14 O94 I . -3.19 -11.40 18.49
N15 O94 I . -4.04 -11.46 19.72
C16 O94 I . -5.16 -12.41 19.52
O18 O94 I . -4.57 -11.01 21.85
C19 O94 I . -2.59 -9.87 21.17
C23 O94 I . 1.21 -11.90 20.91
C25 O94 I . -0.95 -11.67 21.95
F26 O94 I . 2.41 -12.53 20.81
S SO4 J . -8.86 -12.90 28.25
O1 SO4 J . -9.22 -12.27 29.53
O2 SO4 J . -7.58 -13.63 28.44
O3 SO4 J . -8.67 -11.90 27.21
O4 SO4 J . -9.90 -13.85 27.84
S SO4 K . -9.53 -15.15 22.74
O1 SO4 K . -10.10 -14.18 23.69
O2 SO4 K . -9.16 -16.40 23.41
O3 SO4 K . -10.49 -15.49 21.68
O4 SO4 K . -8.33 -14.57 22.15
#